data_9CGL
#
_entry.id   9CGL
#
_cell.length_a   59.124
_cell.length_b   105.858
_cell.length_c   114.533
_cell.angle_alpha   90.00
_cell.angle_beta   90.00
_cell.angle_gamma   90.00
#
_symmetry.space_group_name_H-M   'P 21 21 21'
#
loop_
_entity.id
_entity.type
_entity.pdbx_description
1 polymer 'Narbonolide/10-deoxymethynolide synthase PikA4, module 6'
2 non-polymer '2-{[(1R)-1-(6-nitro-2H-1,3-benzodioxol-5-yl)ethyl]sulfanyl}ethyl formate'
3 water water
#
_entity_poly.entity_id   1
_entity_poly.type   'polypeptide(L)'
_entity_poly.pdbx_seq_one_letter_code
;AGMFRALFRQAVEDDRYGEFLDVLAEASAFRPQFASPEACSERLDPVLLAGGPTDRAEGRAVLVGCTGTAANGGPHEFLR
LSTSFQEERDFLAVPLPGYGTGTGTGTALLPADLDTALDAQARAILRAAGDAPVVLLGH(DPP)GGALLAHELAFRLERA
HGAPPAGIVLVDPYPPGHQEPIEVWSRQLGEGLFAGELEPMSDARLLAMGRYARFLAGPRPGRSSAPVLLVRASEPLGDW
QEERGDWRAHWDLPHTVADVPGDHFTMMRDHAPAVAEAVLSWLDAIEGIEGAGK
;
_entity_poly.pdbx_strand_id   A,B
#
loop_
_chem_comp.id
_chem_comp.type
_chem_comp.name
_chem_comp.formula
A1AWE non-polymer '2-{[(1R)-1-(6-nitro-2H-1,3-benzodioxol-5-yl)ethyl]sulfanyl}ethyl formate' 'C12 H13 N O6 S'
#
# COMPACT_ATOMS: atom_id res chain seq x y z
N ALA A 1 14.97 2.53 -5.47
CA ALA A 1 14.56 1.32 -4.76
C ALA A 1 13.09 0.93 -5.06
N GLY A 2 12.33 0.61 -3.98
CA GLY A 2 11.02 0.02 -4.16
C GLY A 2 9.90 1.04 -4.25
N MET A 3 8.73 0.55 -4.66
CA MET A 3 7.60 1.45 -4.91
C MET A 3 7.04 2.03 -3.62
N PHE A 4 7.07 1.28 -2.51
CA PHE A 4 6.59 1.85 -1.26
C PHE A 4 7.43 3.06 -0.88
N ARG A 5 8.74 2.96 -1.05
CA ARG A 5 9.58 4.12 -0.83
C ARG A 5 9.21 5.26 -1.79
N ALA A 6 9.06 4.95 -3.10
CA ALA A 6 8.69 6.00 -4.06
C ALA A 6 7.41 6.72 -3.63
N LEU A 7 6.38 5.95 -3.28
CA LEU A 7 5.12 6.54 -2.82
C LEU A 7 5.31 7.40 -1.57
N PHE A 8 6.11 6.90 -0.63
CA PHE A 8 6.32 7.61 0.64
C PHE A 8 6.99 8.96 0.38
N ARG A 9 7.99 8.98 -0.51
CA ARG A 9 8.63 10.24 -0.86
C ARG A 9 7.62 11.24 -1.40
N GLN A 10 6.72 10.77 -2.27
CA GLN A 10 5.70 11.66 -2.81
C GLN A 10 4.78 12.13 -1.69
N ALA A 11 4.43 11.23 -0.77
CA ALA A 11 3.52 11.62 0.28
C ALA A 11 4.10 12.71 1.16
N VAL A 12 5.39 12.63 1.50
CA VAL A 12 5.90 13.69 2.39
C VAL A 12 6.08 14.99 1.60
N GLU A 13 6.40 14.89 0.31
CA GLU A 13 6.36 16.05 -0.57
C GLU A 13 4.96 16.69 -0.56
N ASP A 14 3.91 15.88 -0.59
CA ASP A 14 2.55 16.36 -0.59
C ASP A 14 1.99 16.60 0.82
N ASP A 15 2.83 16.53 1.86
CA ASP A 15 2.41 16.78 3.25
C ASP A 15 1.28 15.84 3.68
N ARG A 16 1.41 14.56 3.36
CA ARG A 16 0.42 13.56 3.73
C ARG A 16 1.11 12.38 4.40
N TYR A 17 2.09 12.68 5.26
CA TYR A 17 2.83 11.65 5.99
C TYR A 17 1.90 10.71 6.72
N GLY A 18 0.95 11.28 7.45
CA GLY A 18 0.07 10.47 8.26
C GLY A 18 -0.78 9.53 7.43
N GLU A 19 -1.36 10.04 6.34
CA GLU A 19 -2.20 9.18 5.51
C GLU A 19 -1.40 8.01 4.98
N PHE A 20 -0.14 8.26 4.59
CA PHE A 20 0.62 7.16 4.03
C PHE A 20 1.12 6.17 5.08
N LEU A 21 1.34 6.60 6.32
CA LEU A 21 1.61 5.62 7.37
C LEU A 21 0.42 4.70 7.56
N ASP A 22 -0.80 5.24 7.42
CA ASP A 22 -1.98 4.37 7.48
C ASP A 22 -1.98 3.34 6.35
N VAL A 23 -1.51 3.72 5.16
CA VAL A 23 -1.39 2.78 4.05
C VAL A 23 -0.38 1.68 4.38
N LEU A 24 0.78 2.08 4.90
CA LEU A 24 1.80 1.11 5.30
C LEU A 24 1.27 0.12 6.32
N ALA A 25 0.53 0.61 7.33
CA ALA A 25 -0.04 -0.29 8.32
C ALA A 25 -0.97 -1.30 7.66
N GLU A 26 -1.84 -0.81 6.76
CA GLU A 26 -2.79 -1.70 6.08
C GLU A 26 -2.05 -2.73 5.23
N ALA A 27 -1.09 -2.28 4.41
CA ALA A 27 -0.33 -3.23 3.60
C ALA A 27 0.48 -4.21 4.46
N SER A 28 0.92 -3.81 5.66
CA SER A 28 1.77 -4.70 6.45
C SER A 28 1.05 -5.96 6.90
N ALA A 29 -0.28 -5.94 6.98
CA ALA A 29 -1.01 -7.14 7.40
C ALA A 29 -0.85 -8.29 6.41
N PHE A 30 -0.43 -8.02 5.17
CA PHE A 30 -0.21 -9.08 4.18
C PHE A 30 1.24 -9.57 4.14
N ARG A 31 2.10 -9.15 5.14
CA ARG A 31 3.44 -9.68 5.25
C ARG A 31 3.45 -10.90 6.15
N PRO A 32 4.38 -11.82 5.91
CA PRO A 32 4.55 -12.97 6.82
C PRO A 32 4.81 -12.54 8.25
N GLN A 33 4.10 -13.19 9.19
CA GLN A 33 4.14 -12.78 10.59
C GLN A 33 4.63 -13.92 11.49
N PHE A 34 5.05 -13.57 12.71
CA PHE A 34 5.25 -14.57 13.75
C PHE A 34 4.28 -14.28 14.90
N ALA A 35 3.61 -15.35 15.35
CA ALA A 35 2.56 -15.26 16.35
C ALA A 35 2.98 -15.69 17.74
N SER A 36 4.19 -16.19 17.91
CA SER A 36 4.73 -16.50 19.22
C SER A 36 6.20 -16.10 19.26
N PRO A 37 6.69 -15.67 20.42
CA PRO A 37 8.09 -15.22 20.53
C PRO A 37 9.11 -16.22 20.01
N GLU A 38 8.83 -17.52 20.18
CA GLU A 38 9.70 -18.56 19.65
C GLU A 38 9.94 -18.39 18.15
N ALA A 39 8.88 -18.10 17.39
CA ALA A 39 8.93 -18.12 15.94
C ALA A 39 9.64 -16.92 15.33
N CYS A 40 10.34 -16.11 16.13
CA CYS A 40 10.91 -14.86 15.64
C CYS A 40 12.11 -15.09 14.69
N SER A 41 12.13 -14.29 13.61
CA SER A 41 13.19 -14.36 12.60
C SER A 41 14.56 -14.08 13.19
N GLU A 42 14.73 -12.92 13.84
CA GLU A 42 16.03 -12.41 14.20
C GLU A 42 16.53 -13.04 15.49
N ARG A 43 17.81 -12.83 15.76
CA ARG A 43 18.34 -13.26 17.04
C ARG A 43 17.99 -12.31 18.17
N LEU A 44 17.88 -11.01 17.87
CA LEU A 44 17.53 -9.98 18.84
C LEU A 44 18.53 -9.85 19.97
N ASP A 45 19.70 -10.46 19.87
CA ASP A 45 20.69 -10.33 20.92
C ASP A 45 21.16 -8.88 21.00
N PRO A 46 21.09 -8.26 22.18
CA PRO A 46 21.51 -6.86 22.31
C PRO A 46 22.98 -6.70 21.98
N VAL A 47 23.33 -5.53 21.45
CA VAL A 47 24.71 -5.23 21.10
C VAL A 47 25.28 -4.29 22.16
N LEU A 48 26.48 -4.65 22.66
CA LEU A 48 27.17 -3.87 23.68
C LEU A 48 27.90 -2.72 23.02
N LEU A 49 27.45 -1.49 23.28
CA LEU A 49 27.95 -0.27 22.64
C LEU A 49 28.75 0.62 23.57
N ALA A 50 28.63 0.42 24.88
CA ALA A 50 29.47 1.10 25.84
C ALA A 50 29.69 0.16 27.02
N GLY A 51 30.89 0.19 27.59
CA GLY A 51 31.20 -0.59 28.78
C GLY A 51 31.32 0.33 29.98
N GLY A 52 30.68 -0.05 31.08
CA GLY A 52 30.91 0.65 32.31
C GLY A 52 32.20 0.19 32.96
N PRO A 53 32.47 0.72 34.14
CA PRO A 53 33.63 0.24 34.91
C PRO A 53 33.31 -1.06 35.62
N THR A 54 34.35 -1.66 36.21
CA THR A 54 34.24 -2.97 36.85
C THR A 54 33.65 -2.87 38.26
N ASP A 55 32.74 -3.78 38.58
CA ASP A 55 32.09 -3.84 39.90
C ASP A 55 32.36 -5.19 40.58
N GLU A 58 28.69 -3.96 42.40
CA GLU A 58 27.75 -4.86 41.73
C GLU A 58 26.33 -4.36 41.95
N GLY A 59 25.38 -4.89 41.17
CA GLY A 59 24.00 -4.45 41.24
C GLY A 59 23.71 -3.10 40.63
N ARG A 60 24.61 -2.56 39.80
CA ARG A 60 24.30 -1.32 39.09
C ARG A 60 23.44 -1.60 37.87
N ALA A 61 22.51 -0.71 37.59
CA ALA A 61 21.66 -0.90 36.42
C ALA A 61 22.49 -0.76 35.15
N VAL A 62 22.21 -1.62 34.17
CA VAL A 62 22.71 -1.41 32.81
C VAL A 62 21.60 -0.74 32.00
N LEU A 63 22.02 0.06 31.03
CA LEU A 63 21.11 0.78 30.16
C LEU A 63 20.82 -0.08 28.94
N VAL A 64 19.53 -0.26 28.63
CA VAL A 64 19.12 -0.97 27.42
C VAL A 64 18.44 0.02 26.48
N GLY A 65 19.05 0.27 25.32
CA GLY A 65 18.48 1.14 24.29
C GLY A 65 17.47 0.38 23.45
N CYS A 66 16.21 0.85 23.45
CA CYS A 66 15.13 0.18 22.73
C CYS A 66 15.00 0.84 21.35
N THR A 67 15.37 0.09 20.32
CA THR A 67 15.42 0.64 18.96
C THR A 67 14.04 1.18 18.52
N GLY A 68 14.08 2.38 17.91
CA GLY A 68 12.87 3.02 17.46
C GLY A 68 12.33 2.39 16.18
N THR A 69 11.23 2.97 15.71
CA THR A 69 10.51 2.43 14.56
C THR A 69 11.02 2.90 13.20
N ALA A 70 11.90 3.91 13.15
CA ALA A 70 12.27 4.53 11.89
C ALA A 70 12.74 3.49 10.87
N ALA A 71 12.17 3.56 9.66
CA ALA A 71 12.56 2.61 8.63
C ALA A 71 14.01 2.77 8.20
N ASN A 72 14.60 3.97 8.36
CA ASN A 72 16.03 4.18 8.11
C ASN A 72 16.92 3.81 9.31
N GLY A 73 16.35 3.22 10.35
CA GLY A 73 17.09 2.99 11.58
C GLY A 73 17.83 1.67 11.57
N GLY A 74 18.27 1.28 12.76
CA GLY A 74 19.00 0.05 12.90
C GLY A 74 19.99 0.15 14.03
N PRO A 75 20.96 -0.74 14.02
CA PRO A 75 21.88 -0.80 15.16
C PRO A 75 22.77 0.43 15.29
N HIS A 76 22.43 1.54 14.65
CA HIS A 76 23.24 2.73 14.75
C HIS A 76 22.56 3.90 15.44
N GLU A 77 21.28 3.77 15.83
CA GLU A 77 20.57 4.86 16.52
C GLU A 77 21.36 5.43 17.68
N PHE A 78 21.92 4.55 18.53
CA PHE A 78 22.50 4.97 19.81
C PHE A 78 24.01 5.14 19.77
N LEU A 79 24.62 5.11 18.59
CA LEU A 79 26.08 5.19 18.50
C LEU A 79 26.60 6.50 19.11
N ARG A 80 26.02 7.64 18.72
CA ARG A 80 26.51 8.90 19.25
C ARG A 80 26.19 9.06 20.73
N LEU A 81 24.98 8.70 21.15
CA LEU A 81 24.65 8.78 22.56
C LEU A 81 25.54 7.85 23.39
N SER A 82 25.84 6.66 22.89
CA SER A 82 26.45 5.66 23.75
C SER A 82 27.89 6.02 24.11
N THR A 83 28.59 6.79 23.26
CA THR A 83 29.97 7.17 23.58
C THR A 83 30.05 7.86 24.92
N SER A 84 28.99 8.58 25.30
CA SER A 84 28.93 9.30 26.55
C SER A 84 28.67 8.40 27.75
N PHE A 85 28.40 7.13 27.54
CA PHE A 85 28.28 6.17 28.63
C PHE A 85 29.52 5.31 28.79
N GLN A 86 30.50 5.46 27.90
CA GLN A 86 31.72 4.68 28.02
C GLN A 86 32.42 5.06 29.32
N GLU A 87 32.79 4.05 30.10
CA GLU A 87 33.36 4.17 31.45
C GLU A 87 32.33 4.64 32.47
N GLU A 88 31.04 4.64 32.13
CA GLU A 88 29.98 4.99 33.08
C GLU A 88 28.97 3.87 33.28
N ARG A 89 28.46 3.29 32.21
CA ARG A 89 27.42 2.26 32.26
C ARG A 89 27.63 1.33 31.09
N ASP A 90 27.24 0.06 31.27
CA ASP A 90 26.99 -0.78 30.11
C ASP A 90 25.75 -0.26 29.38
N PHE A 91 25.83 -0.11 28.07
CA PHE A 91 24.70 0.28 27.23
C PHE A 91 24.52 -0.82 26.18
N LEU A 92 23.38 -1.50 26.21
CA LEU A 92 23.06 -2.51 25.21
C LEU A 92 21.95 -1.99 24.29
N ALA A 93 22.14 -2.18 22.99
CA ALA A 93 21.11 -1.81 22.02
C ALA A 93 20.42 -3.08 21.54
N VAL A 94 19.13 -3.19 21.81
CA VAL A 94 18.33 -4.36 21.43
C VAL A 94 17.56 -4.02 20.15
N PRO A 95 17.63 -4.87 19.13
CA PRO A 95 16.92 -4.58 17.89
C PRO A 95 15.42 -4.75 18.09
N LEU A 96 14.65 -4.15 17.15
CA LEU A 96 13.21 -4.25 17.04
C LEU A 96 12.85 -5.35 16.06
N PRO A 97 12.03 -6.32 16.46
CA PRO A 97 11.69 -7.44 15.56
C PRO A 97 10.96 -6.97 14.30
N GLY A 98 11.35 -7.55 13.17
CA GLY A 98 10.73 -7.25 11.90
C GLY A 98 11.59 -6.44 10.95
N TYR A 99 12.78 -6.00 11.37
CA TYR A 99 13.59 -5.11 10.55
C TYR A 99 14.83 -5.76 9.92
N GLY A 100 15.18 -7.00 10.28
CA GLY A 100 16.45 -7.58 9.89
C GLY A 100 16.48 -8.17 8.49
N THR A 101 17.66 -8.68 8.11
CA THR A 101 17.95 -9.29 6.79
C THR A 101 17.26 -8.59 5.62
N GLY A 106 16.27 -14.06 2.84
CA GLY A 106 14.91 -13.63 3.11
C GLY A 106 14.84 -12.35 3.93
N THR A 107 13.63 -11.84 4.16
CA THR A 107 13.42 -10.73 5.07
C THR A 107 12.69 -11.23 6.31
N ALA A 108 12.62 -10.37 7.33
CA ALA A 108 12.19 -10.80 8.65
C ALA A 108 10.67 -10.84 8.79
N LEU A 109 10.19 -11.83 9.54
CA LEU A 109 8.77 -11.90 9.86
C LEU A 109 8.31 -10.67 10.63
N LEU A 110 6.99 -10.22 10.37
CA LEU A 110 6.53 -9.11 11.21
C LEU A 110 5.83 -9.66 12.45
N PRO A 111 5.85 -8.92 13.56
CA PRO A 111 5.13 -9.41 14.74
C PRO A 111 3.63 -9.33 14.51
N ALA A 112 2.92 -10.37 14.93
CA ALA A 112 1.46 -10.37 14.75
C ALA A 112 0.80 -9.30 15.61
N ASP A 113 1.31 -9.07 16.82
CA ASP A 113 0.88 -7.95 17.64
C ASP A 113 2.09 -7.39 18.37
N LEU A 114 1.91 -6.27 19.07
CA LEU A 114 3.06 -5.67 19.75
C LEU A 114 3.57 -6.55 20.91
N ASP A 115 2.66 -7.22 21.63
CA ASP A 115 3.08 -8.05 22.78
C ASP A 115 4.05 -9.16 22.36
N THR A 116 3.82 -9.76 21.19
CA THR A 116 4.72 -10.79 20.70
C THR A 116 6.11 -10.22 20.43
N ALA A 117 6.19 -9.00 19.89
CA ALA A 117 7.49 -8.38 19.69
C ALA A 117 8.14 -8.07 21.04
N LEU A 118 7.39 -7.47 21.95
CA LEU A 118 7.95 -7.16 23.26
C LEU A 118 8.41 -8.41 23.98
N ASP A 119 7.64 -9.51 23.92
CA ASP A 119 8.05 -10.75 24.57
C ASP A 119 9.33 -11.29 23.96
N ALA A 120 9.50 -11.16 22.65
CA ALA A 120 10.74 -11.60 22.02
C ALA A 120 11.92 -10.75 22.47
N GLN A 121 11.71 -9.45 22.66
CA GLN A 121 12.77 -8.60 23.16
C GLN A 121 13.04 -8.90 24.64
N ALA A 122 11.98 -9.13 25.41
CA ALA A 122 12.12 -9.43 26.82
C ALA A 122 13.02 -10.65 27.04
N ARG A 123 12.85 -11.69 26.23
CA ARG A 123 13.70 -12.88 26.34
C ARG A 123 15.17 -12.54 26.08
N ALA A 124 15.45 -11.79 25.00
CA ALA A 124 16.84 -11.47 24.68
C ALA A 124 17.48 -10.51 25.68
N ILE A 125 16.69 -9.61 26.26
CA ILE A 125 17.24 -8.68 27.23
C ILE A 125 17.60 -9.41 28.53
N LEU A 126 16.69 -10.26 29.01
CA LEU A 126 16.98 -10.96 30.27
C LEU A 126 18.15 -11.93 30.11
N ARG A 127 18.27 -12.56 28.95
CA ARG A 127 19.41 -13.42 28.70
C ARG A 127 20.70 -12.61 28.68
N ALA A 128 20.65 -11.36 28.22
CA ALA A 128 21.86 -10.54 28.10
C ALA A 128 22.21 -9.79 29.37
N ALA A 129 21.21 -9.28 30.10
CA ALA A 129 21.47 -8.47 31.28
C ALA A 129 21.86 -9.31 32.49
N GLY A 130 21.67 -10.62 32.42
CA GLY A 130 22.02 -11.46 33.55
C GLY A 130 21.18 -11.07 34.75
N ASP A 131 21.85 -10.78 35.85
CA ASP A 131 21.18 -10.38 37.08
C ASP A 131 21.28 -8.89 37.37
N ALA A 132 21.88 -8.11 36.48
CA ALA A 132 21.95 -6.68 36.73
C ALA A 132 20.56 -6.07 36.54
N PRO A 133 20.23 -5.04 37.31
CA PRO A 133 18.99 -4.31 37.04
C PRO A 133 19.08 -3.67 35.65
N VAL A 134 17.91 -3.43 35.05
CA VAL A 134 17.81 -2.93 33.69
C VAL A 134 17.10 -1.58 33.70
N VAL A 135 17.64 -0.60 32.97
CA VAL A 135 16.99 0.67 32.73
C VAL A 135 16.80 0.83 31.23
N LEU A 136 15.55 0.92 30.80
CA LEU A 136 15.21 1.02 29.39
C LEU A 136 15.27 2.47 28.92
N LEU A 137 15.83 2.67 27.73
CA LEU A 137 15.90 3.99 27.13
C LEU A 137 15.38 3.93 25.70
N GLY A 138 14.60 4.93 25.33
CA GLY A 138 14.10 5.02 23.97
C GLY A 138 13.80 6.46 23.60
N HIS A 139 13.93 6.74 22.29
CA HIS A 139 13.71 8.08 21.75
C HIS A 139 12.52 8.07 20.79
N DPP A 140 11.68 9.09 20.94
CA DPP A 140 10.45 9.25 20.18
C DPP A 140 9.56 8.00 20.15
O DPP A 140 9.05 7.60 21.15
CB DPP A 140 10.71 9.92 18.83
NG DPP A 140 11.29 9.13 17.78
N GLY A 141 9.36 7.42 18.98
CA GLY A 141 8.65 6.14 18.93
C GLY A 141 9.28 5.08 19.83
N GLY A 142 10.61 5.02 19.81
CA GLY A 142 11.33 4.13 20.72
C GLY A 142 11.03 4.44 22.17
N ALA A 143 10.80 5.71 22.50
CA ALA A 143 10.39 6.05 23.85
C ALA A 143 9.10 5.35 24.21
N LEU A 144 8.11 5.37 23.30
CA LEU A 144 6.85 4.67 23.55
C LEU A 144 7.09 3.17 23.66
N LEU A 145 7.94 2.62 22.80
CA LEU A 145 8.21 1.18 22.86
C LEU A 145 8.89 0.80 24.18
N ALA A 146 9.76 1.65 24.71
CA ALA A 146 10.47 1.31 25.94
C ALA A 146 9.51 1.12 27.09
N HIS A 147 8.49 2.00 27.19
CA HIS A 147 7.51 1.90 28.26
C HIS A 147 6.59 0.68 28.07
N GLU A 148 6.18 0.41 26.84
CA GLU A 148 5.39 -0.80 26.64
C GLU A 148 6.23 -2.03 26.98
N LEU A 149 7.53 -1.99 26.69
CA LEU A 149 8.43 -3.07 27.08
C LEU A 149 8.59 -3.16 28.60
N ALA A 150 8.70 -2.01 29.28
CA ALA A 150 8.80 -2.01 30.74
C ALA A 150 7.58 -2.68 31.37
N PHE A 151 6.39 -2.30 30.92
CA PHE A 151 5.18 -2.91 31.44
C PHE A 151 5.15 -4.40 31.10
N ARG A 152 5.60 -4.77 29.91
CA ARG A 152 5.61 -6.17 29.52
C ARG A 152 6.58 -6.98 30.37
N LEU A 153 7.77 -6.44 30.63
CA LEU A 153 8.76 -7.15 31.45
C LEU A 153 8.25 -7.37 32.87
N GLU A 154 7.59 -6.35 33.42
CA GLU A 154 7.08 -6.41 34.79
C GLU A 154 5.95 -7.41 34.91
N ARG A 155 4.91 -7.25 34.06
CA ARG A 155 3.68 -8.00 34.21
C ARG A 155 3.73 -9.40 33.59
N ALA A 156 4.50 -9.60 32.52
CA ALA A 156 4.54 -10.88 31.82
C ALA A 156 5.78 -11.73 32.14
N HIS A 157 6.88 -11.12 32.54
CA HIS A 157 8.11 -11.83 32.81
C HIS A 157 8.56 -11.65 34.26
N GLY A 158 7.69 -11.12 35.12
CA GLY A 158 7.94 -10.98 36.54
C GLY A 158 9.25 -10.31 36.83
N ALA A 159 9.68 -9.41 35.95
CA ALA A 159 11.00 -8.80 36.02
C ALA A 159 10.91 -7.31 35.72
N PRO A 160 10.36 -6.54 36.67
CA PRO A 160 10.18 -5.12 36.43
C PRO A 160 11.51 -4.40 36.30
N PRO A 161 11.67 -3.52 35.32
CA PRO A 161 12.92 -2.76 35.22
C PRO A 161 13.03 -1.73 36.33
N ALA A 162 14.28 -1.28 36.54
CA ALA A 162 14.57 -0.30 37.58
C ALA A 162 14.24 1.13 37.17
N GLY A 163 14.09 1.41 35.88
CA GLY A 163 13.74 2.74 35.43
C GLY A 163 13.50 2.75 33.93
N ILE A 164 12.88 3.84 33.46
CA ILE A 164 12.66 4.06 32.04
C ILE A 164 13.10 5.48 31.71
N VAL A 165 13.88 5.63 30.63
CA VAL A 165 14.25 6.94 30.12
C VAL A 165 13.50 7.18 28.82
N LEU A 166 12.62 8.17 28.83
CA LEU A 166 11.76 8.52 27.70
C LEU A 166 12.27 9.82 27.10
N VAL A 167 12.93 9.71 25.94
CA VAL A 167 13.51 10.87 25.27
C VAL A 167 12.50 11.37 24.24
N ASP A 168 11.90 12.53 24.55
CA ASP A 168 10.91 13.20 23.73
C ASP A 168 9.75 12.30 23.29
N PRO A 169 8.96 11.77 24.23
CA PRO A 169 7.79 10.95 23.87
C PRO A 169 6.54 11.78 23.60
N TYR A 170 5.79 11.37 22.58
CA TYR A 170 4.50 11.99 22.25
C TYR A 170 3.46 10.89 22.28
N PRO A 171 2.95 10.54 23.46
CA PRO A 171 2.02 9.43 23.58
C PRO A 171 0.64 9.81 23.08
N PRO A 172 -0.22 8.83 22.81
CA PRO A 172 -1.58 9.16 22.36
C PRO A 172 -2.23 10.14 23.31
N GLY A 173 -2.93 11.13 22.73
CA GLY A 173 -3.54 12.18 23.51
C GLY A 173 -2.70 13.42 23.70
N HIS A 174 -1.42 13.37 23.36
CA HIS A 174 -0.54 14.53 23.43
C HIS A 174 0.28 14.64 22.16
N GLN A 175 -0.28 14.16 21.05
CA GLN A 175 0.45 14.03 19.79
C GLN A 175 0.19 15.16 18.81
N GLU A 176 -0.59 16.17 19.21
CA GLU A 176 -0.89 17.27 18.31
C GLU A 176 0.36 17.95 17.78
N PRO A 177 1.40 18.25 18.58
CA PRO A 177 2.59 18.90 17.98
C PRO A 177 3.26 18.04 16.92
N ILE A 178 3.29 16.72 17.12
CA ILE A 178 4.01 15.83 16.22
C ILE A 178 3.22 15.53 14.96
N GLU A 179 1.91 15.77 14.97
CA GLU A 179 1.15 15.67 13.72
C GLU A 179 1.31 16.93 12.89
N VAL A 180 1.32 18.09 13.54
CA VAL A 180 1.56 19.35 12.85
C VAL A 180 2.93 19.32 12.19
N TRP A 181 3.90 18.63 12.78
CA TRP A 181 5.25 18.54 12.24
C TRP A 181 5.52 17.22 11.51
N SER A 182 4.48 16.50 11.11
CA SER A 182 4.69 15.21 10.44
C SER A 182 5.51 15.37 9.16
N ARG A 183 5.46 16.54 8.53
CA ARG A 183 6.24 16.73 7.31
C ARG A 183 7.75 16.72 7.63
N GLN A 184 8.15 17.41 8.70
CA GLN A 184 9.53 17.37 9.14
C GLN A 184 9.97 15.95 9.52
N LEU A 185 9.06 15.15 10.10
CA LEU A 185 9.41 13.77 10.40
C LEU A 185 9.73 13.01 9.12
N GLY A 186 8.86 13.14 8.11
CA GLY A 186 9.11 12.44 6.86
C GLY A 186 10.38 12.91 6.17
N GLU A 187 10.59 14.23 6.11
CA GLU A 187 11.84 14.70 5.51
C GLU A 187 13.04 14.24 6.32
N GLY A 188 12.89 14.15 7.64
CA GLY A 188 13.98 13.64 8.46
C GLY A 188 14.33 12.21 8.12
N LEU A 189 13.31 11.38 7.87
CA LEU A 189 13.58 10.00 7.49
C LEU A 189 14.41 9.91 6.22
N PHE A 190 14.07 10.71 5.20
CA PHE A 190 14.81 10.61 3.94
C PHE A 190 16.19 11.25 4.06
N ALA A 191 16.32 12.33 4.81
CA ALA A 191 17.64 12.94 5.01
C ALA A 191 18.57 11.98 5.74
N GLY A 192 18.04 11.20 6.68
CA GLY A 192 18.81 10.28 7.48
C GLY A 192 19.15 8.98 6.81
N GLU A 193 18.83 8.83 5.53
CA GLU A 193 19.08 7.56 4.84
C GLU A 193 20.58 7.34 4.68
N LEU A 194 21.10 6.25 5.26
CA LEU A 194 22.41 5.79 4.87
C LEU A 194 22.34 5.01 3.55
N GLU A 195 21.24 4.31 3.34
CA GLU A 195 20.90 3.64 2.11
C GLU A 195 19.41 3.90 1.90
N PRO A 196 18.82 3.53 0.76
CA PRO A 196 17.37 3.71 0.60
C PRO A 196 16.60 2.81 1.55
N MET A 197 15.56 3.36 2.14
CA MET A 197 14.70 2.59 3.03
C MET A 197 13.99 1.50 2.23
N SER A 198 14.22 0.25 2.62
CA SER A 198 13.58 -0.85 1.93
C SER A 198 12.09 -0.84 2.20
N ASP A 199 11.34 -1.43 1.26
CA ASP A 199 9.90 -1.53 1.43
C ASP A 199 9.55 -2.39 2.65
N ALA A 200 10.33 -3.43 2.92
CA ALA A 200 10.02 -4.29 4.08
C ALA A 200 10.07 -3.52 5.39
N ARG A 201 11.02 -2.59 5.52
CA ARG A 201 11.15 -1.82 6.76
C ARG A 201 10.10 -0.70 6.86
N LEU A 202 9.75 -0.07 5.73
CA LEU A 202 8.66 0.90 5.75
C LEU A 202 7.38 0.22 6.19
N LEU A 203 7.12 -0.99 5.69
CA LEU A 203 5.96 -1.73 6.19
C LEU A 203 6.08 -2.00 7.68
N ALA A 204 7.27 -2.37 8.16
CA ALA A 204 7.43 -2.62 9.60
C ALA A 204 7.13 -1.37 10.38
N MET A 205 7.67 -0.25 9.90
CA MET A 205 7.43 1.03 10.56
C MET A 205 5.95 1.36 10.62
N GLY A 206 5.23 1.19 9.51
CA GLY A 206 3.79 1.37 9.55
C GLY A 206 3.09 0.45 10.55
N ARG A 207 3.47 -0.83 10.57
CA ARG A 207 2.79 -1.76 11.47
C ARG A 207 3.00 -1.36 12.94
N TYR A 208 4.22 -0.94 13.30
CA TYR A 208 4.50 -0.54 14.68
C TYR A 208 3.81 0.76 15.03
N ALA A 209 3.76 1.71 14.10
CA ALA A 209 3.03 2.94 14.34
C ALA A 209 1.59 2.63 14.70
N ARG A 210 0.99 1.69 13.95
CA ARG A 210 -0.38 1.33 14.25
C ARG A 210 -0.49 0.68 15.65
N PHE A 211 0.39 -0.29 15.98
CA PHE A 211 0.41 -0.89 17.32
C PHE A 211 0.36 0.19 18.41
N LEU A 212 1.18 1.24 18.25
CA LEU A 212 1.42 2.25 19.27
C LEU A 212 0.37 3.34 19.29
N ALA A 213 -0.50 3.42 18.28
CA ALA A 213 -1.66 4.31 18.37
C ALA A 213 -2.82 3.68 19.12
N GLY A 214 -2.82 2.35 19.24
CA GLY A 214 -3.94 1.62 19.77
C GLY A 214 -4.02 1.70 21.27
N PRO A 215 -5.14 1.18 21.82
CA PRO A 215 -5.35 1.24 23.28
C PRO A 215 -4.37 0.36 24.05
N ARG A 216 -3.43 0.98 24.78
CA ARG A 216 -2.49 0.23 25.61
C ARG A 216 -2.53 0.82 27.01
N PRO A 217 -3.56 0.47 27.79
CA PRO A 217 -3.60 0.91 29.17
C PRO A 217 -2.57 0.15 29.97
N GLY A 218 -2.25 0.68 31.13
CA GLY A 218 -1.29 -0.06 31.92
C GLY A 218 0.01 0.69 32.00
N ARG A 219 0.30 1.25 33.15
CA ARG A 219 1.55 1.98 33.37
C ARG A 219 2.53 1.07 34.11
N SER A 220 3.79 1.16 33.70
CA SER A 220 4.85 0.48 34.42
C SER A 220 5.00 1.05 35.82
N SER A 221 5.40 0.19 36.76
CA SER A 221 5.75 0.60 38.11
C SER A 221 7.07 1.38 38.18
N ALA A 222 7.91 1.29 37.16
CA ALA A 222 9.28 1.81 37.22
C ALA A 222 9.29 3.32 37.13
N PRO A 223 10.23 3.98 37.80
CA PRO A 223 10.33 5.45 37.69
C PRO A 223 10.73 5.89 36.28
N VAL A 224 10.21 7.05 35.88
CA VAL A 224 10.37 7.55 34.52
C VAL A 224 11.20 8.83 34.58
N LEU A 225 12.30 8.85 33.85
CA LEU A 225 12.98 10.09 33.53
C LEU A 225 12.44 10.57 32.17
N LEU A 226 11.81 11.75 32.16
CA LEU A 226 11.28 12.38 30.94
C LEU A 226 12.28 13.40 30.43
N VAL A 227 12.87 13.15 29.25
CA VAL A 227 13.82 14.06 28.62
C VAL A 227 13.11 14.82 27.49
N ARG A 228 13.22 16.15 27.51
CA ARG A 228 12.46 16.98 26.59
C ARG A 228 13.38 17.91 25.82
N ALA A 229 13.21 17.92 24.49
CA ALA A 229 13.86 18.91 23.63
C ALA A 229 13.43 20.31 24.01
N SER A 230 14.29 21.28 23.73
CA SER A 230 14.02 22.67 24.04
C SER A 230 13.62 23.51 22.83
N GLU A 231 13.90 23.05 21.60
CA GLU A 231 13.54 23.76 20.37
C GLU A 231 12.37 23.07 19.69
N PRO A 232 11.38 23.83 19.22
CA PRO A 232 10.34 23.20 18.39
C PRO A 232 10.93 22.72 17.07
N LEU A 233 10.39 21.60 16.60
CA LEU A 233 10.86 21.07 15.33
C LEU A 233 10.41 21.95 14.16
N GLY A 234 9.29 22.65 14.31
CA GLY A 234 8.79 23.52 13.26
C GLY A 234 8.12 24.76 13.80
N ASP A 235 7.36 25.46 12.96
CA ASP A 235 6.61 26.63 13.41
C ASP A 235 5.53 26.19 14.40
N TRP A 236 5.16 27.10 15.30
CA TRP A 236 4.15 26.74 16.30
C TRP A 236 3.54 28.01 16.87
N GLN A 237 2.21 28.07 16.81
CA GLN A 237 1.40 29.11 17.46
C GLN A 237 1.22 28.76 18.94
N GLU A 238 1.74 29.62 19.82
CA GLU A 238 1.76 29.29 21.25
C GLU A 238 0.38 29.05 21.84
N GLU A 239 -0.66 29.64 21.25
CA GLU A 239 -2.03 29.47 21.71
C GLU A 239 -2.53 28.05 21.51
N ARG A 240 -1.85 27.26 20.68
CA ARG A 240 -2.15 25.84 20.62
C ARG A 240 -1.74 25.11 21.88
N GLY A 241 -1.00 25.76 22.77
CA GLY A 241 -0.55 25.14 23.99
C GLY A 241 0.92 24.85 23.99
N ASP A 242 1.29 23.90 24.86
CA ASP A 242 2.67 23.42 24.96
C ASP A 242 2.92 22.50 23.78
N TRP A 243 4.00 22.73 23.06
CA TRP A 243 4.38 21.80 21.99
C TRP A 243 5.22 20.62 22.49
N ARG A 244 5.68 20.64 23.75
CA ARG A 244 6.71 19.71 24.19
C ARG A 244 6.19 18.28 24.37
N ALA A 245 7.13 17.34 24.36
CA ALA A 245 6.85 15.96 24.70
C ALA A 245 6.22 15.87 26.09
N HIS A 246 5.48 14.80 26.33
CA HIS A 246 4.69 14.69 27.54
C HIS A 246 4.76 13.28 28.12
N TRP A 247 4.70 13.19 29.45
CA TRP A 247 4.43 11.92 30.13
C TRP A 247 3.72 12.20 31.45
N ASP A 248 2.75 11.34 31.79
CA ASP A 248 2.03 11.49 33.05
C ASP A 248 2.92 11.18 34.25
N LEU A 249 2.97 12.09 35.22
CA LEU A 249 3.60 11.85 36.51
C LEU A 249 5.03 11.30 36.38
N PRO A 250 5.92 12.02 35.72
CA PRO A 250 7.31 11.58 35.65
C PRO A 250 7.97 11.67 37.01
N HIS A 251 8.92 10.77 37.26
CA HIS A 251 9.77 10.89 38.43
C HIS A 251 10.66 12.12 38.35
N THR A 252 11.24 12.38 37.19
CA THR A 252 12.16 13.48 37.00
C THR A 252 11.96 13.97 35.58
N VAL A 253 12.02 15.30 35.39
CA VAL A 253 11.90 15.93 34.08
C VAL A 253 13.20 16.65 33.82
N ALA A 254 13.79 16.40 32.65
CA ALA A 254 15.01 17.09 32.23
C ALA A 254 14.82 17.70 30.85
N ASP A 255 15.19 18.97 30.70
CA ASP A 255 15.20 19.65 29.42
C ASP A 255 16.63 19.77 28.92
N VAL A 256 16.84 19.48 27.63
CA VAL A 256 18.16 19.55 27.02
C VAL A 256 18.07 20.39 25.75
N PRO A 257 19.18 20.96 25.31
CA PRO A 257 19.15 21.78 24.08
C PRO A 257 18.76 20.97 22.86
N GLY A 258 18.26 21.67 21.84
CA GLY A 258 17.99 21.07 20.55
C GLY A 258 16.52 20.76 20.34
N ASP A 259 16.23 20.21 19.15
CA ASP A 259 14.86 19.84 18.82
C ASP A 259 14.71 18.32 18.89
N HIS A 260 13.50 17.85 18.57
CA HIS A 260 13.15 16.44 18.55
C HIS A 260 14.26 15.57 17.96
N PHE A 261 14.93 16.07 16.93
CA PHE A 261 15.96 15.31 16.24
C PHE A 261 17.35 15.60 16.78
N THR A 262 17.72 16.87 16.89
CA THR A 262 19.11 17.16 17.19
C THR A 262 19.44 16.88 18.65
N MET A 263 18.42 16.72 19.51
CA MET A 263 18.68 16.36 20.88
C MET A 263 19.45 15.06 20.97
N MET A 264 19.29 14.18 19.98
CA MET A 264 19.99 12.90 19.96
C MET A 264 21.22 12.91 19.07
N ARG A 265 21.52 14.02 18.42
CA ARG A 265 22.69 14.10 17.57
C ARG A 265 23.67 15.07 18.19
N ASP A 266 23.62 16.34 17.86
CA ASP A 266 24.60 17.29 18.37
C ASP A 266 24.58 17.40 19.90
N HIS A 267 23.43 17.14 20.55
CA HIS A 267 23.30 17.35 21.99
C HIS A 267 23.07 16.06 22.76
N ALA A 268 23.42 14.92 22.17
CA ALA A 268 23.40 13.66 22.89
C ALA A 268 24.13 13.71 24.24
N PRO A 269 25.29 14.38 24.39
CA PRO A 269 25.93 14.43 25.72
C PRO A 269 25.05 15.01 26.82
N ALA A 270 24.22 16.01 26.48
CA ALA A 270 23.29 16.56 27.47
C ALA A 270 22.24 15.52 27.86
N VAL A 271 21.80 14.70 26.90
CA VAL A 271 20.90 13.60 27.24
C VAL A 271 21.61 12.64 28.19
N ALA A 272 22.84 12.25 27.84
CA ALA A 272 23.58 11.30 28.66
C ALA A 272 23.80 11.84 30.07
N GLU A 273 24.11 13.14 30.19
CA GLU A 273 24.31 13.71 31.52
C GLU A 273 23.04 13.69 32.35
N ALA A 274 21.88 13.95 31.74
CA ALA A 274 20.62 13.81 32.46
C ALA A 274 20.42 12.38 32.94
N VAL A 275 20.79 11.40 32.12
CA VAL A 275 20.60 10.01 32.49
C VAL A 275 21.56 9.60 33.61
N LEU A 276 22.83 10.01 33.54
CA LEU A 276 23.80 9.54 34.52
C LEU A 276 23.48 10.07 35.92
N SER A 277 23.14 11.37 36.03
CA SER A 277 22.71 11.89 37.33
C SER A 277 21.47 11.15 37.81
N TRP A 278 20.55 10.84 36.91
CA TRP A 278 19.29 10.23 37.31
C TRP A 278 19.51 8.81 37.81
N LEU A 279 20.42 8.07 37.18
CA LEU A 279 20.65 6.70 37.61
C LEU A 279 21.26 6.66 39.01
N ASP A 280 22.17 7.59 39.31
CA ASP A 280 22.78 7.66 40.64
C ASP A 280 21.73 8.00 41.70
N ALA A 281 20.84 8.96 41.40
CA ALA A 281 19.81 9.34 42.36
C ALA A 281 18.95 8.14 42.74
N ILE A 282 18.52 7.37 41.74
CA ILE A 282 17.58 6.27 42.03
C ILE A 282 18.27 5.01 42.53
N GLU A 283 19.60 4.98 42.60
CA GLU A 283 20.28 3.78 43.11
C GLU A 283 20.74 3.92 44.55
N ALA B 1 9.87 -9.91 -8.36
CA ALA B 1 9.66 -8.49 -8.65
C ALA B 1 9.45 -7.63 -7.39
N GLY B 2 8.36 -6.80 -7.39
CA GLY B 2 8.15 -5.81 -6.34
C GLY B 2 7.31 -6.31 -5.16
N MET B 3 7.29 -5.49 -4.11
CA MET B 3 6.63 -5.87 -2.85
C MET B 3 5.11 -5.89 -3.00
N PHE B 4 4.53 -4.97 -3.79
CA PHE B 4 3.08 -4.95 -3.97
C PHE B 4 2.62 -6.28 -4.57
N ARG B 5 3.35 -6.76 -5.58
CA ARG B 5 3.07 -8.07 -6.15
C ARG B 5 3.17 -9.18 -5.08
N ALA B 6 4.25 -9.16 -4.29
CA ALA B 6 4.42 -10.15 -3.23
C ALA B 6 3.26 -10.11 -2.24
N LEU B 7 2.92 -8.90 -1.78
CA LEU B 7 1.78 -8.75 -0.89
C LEU B 7 0.50 -9.26 -1.55
N PHE B 8 0.29 -8.93 -2.83
CA PHE B 8 -0.92 -9.35 -3.54
C PHE B 8 -0.99 -10.87 -3.66
N ARG B 9 0.13 -11.52 -4.00
CA ARG B 9 0.16 -12.99 -4.04
C ARG B 9 -0.25 -13.59 -2.71
N GLN B 10 0.21 -13.03 -1.59
CA GLN B 10 -0.21 -13.52 -0.28
C GLN B 10 -1.70 -13.33 -0.06
N ALA B 11 -2.23 -12.15 -0.41
CA ALA B 11 -3.64 -11.89 -0.17
C ALA B 11 -4.52 -12.85 -0.97
N VAL B 12 -4.09 -13.22 -2.18
CA VAL B 12 -4.88 -14.14 -3.00
C VAL B 12 -4.80 -15.54 -2.40
N GLU B 13 -3.63 -15.91 -1.88
CA GLU B 13 -3.48 -17.13 -1.12
C GLU B 13 -4.41 -17.16 0.09
N ASP B 14 -4.54 -16.03 0.78
CA ASP B 14 -5.37 -15.96 1.98
C ASP B 14 -6.83 -15.66 1.68
N ASP B 15 -7.24 -15.67 0.42
CA ASP B 15 -8.62 -15.36 0.04
C ASP B 15 -9.04 -13.97 0.52
N ARG B 16 -8.16 -12.99 0.33
CA ARG B 16 -8.44 -11.59 0.66
C ARG B 16 -8.12 -10.71 -0.55
N TYR B 17 -8.43 -11.22 -1.76
CA TYR B 17 -8.24 -10.48 -3.00
C TYR B 17 -8.86 -9.09 -2.93
N GLY B 18 -10.10 -9.01 -2.46
CA GLY B 18 -10.77 -7.73 -2.42
C GLY B 18 -10.09 -6.74 -1.51
N GLU B 19 -9.74 -7.18 -0.30
CA GLU B 19 -9.15 -6.26 0.67
C GLU B 19 -7.87 -5.66 0.14
N PHE B 20 -7.08 -6.43 -0.61
CA PHE B 20 -5.82 -5.88 -1.11
C PHE B 20 -6.02 -4.95 -2.30
N LEU B 21 -7.06 -5.17 -3.13
CA LEU B 21 -7.36 -4.17 -4.17
C LEU B 21 -7.69 -2.83 -3.53
N ASP B 22 -8.33 -2.84 -2.36
CA ASP B 22 -8.56 -1.58 -1.65
C ASP B 22 -7.25 -0.95 -1.23
N VAL B 23 -6.28 -1.75 -0.80
CA VAL B 23 -4.99 -1.18 -0.45
C VAL B 23 -4.34 -0.59 -1.69
N LEU B 24 -4.41 -1.31 -2.81
CA LEU B 24 -3.83 -0.80 -4.06
C LEU B 24 -4.47 0.53 -4.44
N ALA B 25 -5.81 0.63 -4.33
CA ALA B 25 -6.50 1.88 -4.64
C ALA B 25 -6.04 3.00 -3.71
N GLU B 26 -5.93 2.72 -2.41
CA GLU B 26 -5.50 3.76 -1.48
C GLU B 26 -4.08 4.18 -1.81
N ALA B 27 -3.19 3.21 -2.03
CA ALA B 27 -1.81 3.50 -2.33
C ALA B 27 -1.64 4.29 -3.62
N SER B 28 -2.48 4.02 -4.64
CA SER B 28 -2.32 4.64 -5.96
C SER B 28 -2.53 6.14 -5.91
N ALA B 29 -3.21 6.65 -4.87
CA ALA B 29 -3.44 8.07 -4.73
C ALA B 29 -2.16 8.87 -4.60
N PHE B 30 -1.05 8.23 -4.21
CA PHE B 30 0.23 8.91 -4.12
C PHE B 30 1.05 8.79 -5.38
N ARG B 31 0.48 8.25 -6.44
CA ARG B 31 1.27 8.30 -7.65
C ARG B 31 1.00 9.60 -8.40
N PRO B 32 2.01 10.12 -9.10
CA PRO B 32 1.80 11.31 -9.93
C PRO B 32 0.67 11.10 -10.93
N GLN B 33 -0.14 12.14 -11.10
CA GLN B 33 -1.38 12.08 -11.84
C GLN B 33 -1.36 13.02 -13.03
N PHE B 34 -2.29 12.80 -13.97
CA PHE B 34 -2.63 13.82 -14.95
C PHE B 34 -4.08 14.20 -14.72
N ALA B 35 -4.34 15.51 -14.69
CA ALA B 35 -5.66 16.06 -14.38
C ALA B 35 -6.41 16.54 -15.60
N SER B 36 -5.76 16.53 -16.77
CA SER B 36 -6.43 16.89 -18.01
C SER B 36 -5.94 15.95 -19.09
N PRO B 37 -6.79 15.62 -20.06
CA PRO B 37 -6.37 14.71 -21.14
C PRO B 37 -5.10 15.16 -21.83
N GLU B 38 -4.93 16.47 -21.96
CA GLU B 38 -3.72 17.04 -22.55
C GLU B 38 -2.46 16.56 -21.84
N ALA B 39 -2.50 16.47 -20.50
CA ALA B 39 -1.35 16.17 -19.65
C ALA B 39 -1.02 14.68 -19.60
N CYS B 40 -1.63 13.87 -20.46
CA CYS B 40 -1.45 12.42 -20.41
C CYS B 40 -0.05 12.00 -20.84
N SER B 41 0.51 11.02 -20.11
CA SER B 41 1.85 10.51 -20.43
C SER B 41 1.89 9.90 -21.83
N GLU B 42 1.07 8.89 -22.06
CA GLU B 42 1.24 7.97 -23.17
C GLU B 42 0.62 8.51 -24.45
N ARG B 43 1.08 7.95 -25.56
CA ARG B 43 0.38 8.08 -26.83
C ARG B 43 -0.68 6.99 -26.79
N LEU B 44 -1.93 7.38 -26.69
CA LEU B 44 -3.03 6.43 -26.70
C LEU B 44 -3.44 6.07 -28.10
N ASP B 45 -2.56 6.26 -29.08
CA ASP B 45 -2.88 5.95 -30.46
C ASP B 45 -3.29 4.49 -30.58
N PRO B 46 -4.49 4.20 -31.06
CA PRO B 46 -4.93 2.80 -31.14
C PRO B 46 -4.07 2.02 -32.10
N VAL B 47 -3.89 0.74 -31.80
CA VAL B 47 -3.09 -0.15 -32.62
C VAL B 47 -4.04 -0.97 -33.49
N LEU B 48 -3.74 -1.03 -34.78
CA LEU B 48 -4.57 -1.76 -35.72
C LEU B 48 -4.21 -3.24 -35.67
N LEU B 49 -5.14 -4.08 -35.22
CA LEU B 49 -4.86 -5.51 -35.05
C LEU B 49 -5.54 -6.38 -36.08
N ALA B 50 -6.55 -5.87 -36.77
CA ALA B 50 -7.16 -6.58 -37.88
C ALA B 50 -7.60 -5.54 -38.88
N GLY B 51 -7.50 -5.89 -40.16
CA GLY B 51 -8.02 -5.07 -41.25
C GLY B 51 -9.24 -5.74 -41.87
N GLY B 52 -10.29 -4.95 -42.09
CA GLY B 52 -11.44 -5.43 -42.80
C GLY B 52 -11.22 -5.37 -44.30
N PRO B 53 -12.25 -5.69 -45.08
CA PRO B 53 -12.11 -5.67 -46.54
C PRO B 53 -12.12 -4.26 -47.12
N THR B 54 -11.86 -4.19 -48.42
CA THR B 54 -11.72 -2.92 -49.08
C THR B 54 -13.08 -2.35 -49.49
N ASP B 55 -13.33 -1.09 -49.10
CA ASP B 55 -14.54 -0.34 -49.45
C ASP B 55 -14.18 1.02 -50.08
N GLU B 58 -19.09 0.80 -47.85
CA GLU B 58 -18.38 1.84 -47.13
C GLU B 58 -19.28 2.38 -46.00
N GLY B 59 -18.70 3.11 -45.07
CA GLY B 59 -19.42 3.56 -43.89
C GLY B 59 -19.64 2.46 -42.87
N ARG B 60 -18.88 1.38 -42.94
CA ARG B 60 -19.01 0.27 -42.01
C ARG B 60 -18.36 0.61 -40.68
N ALA B 61 -18.94 0.08 -39.61
CA ALA B 61 -18.41 0.32 -38.28
C ALA B 61 -17.04 -0.34 -38.12
N VAL B 62 -16.13 0.37 -37.45
CA VAL B 62 -14.88 -0.22 -36.99
C VAL B 62 -15.02 -0.61 -35.52
N LEU B 63 -14.29 -1.66 -35.14
CA LEU B 63 -14.28 -2.19 -33.80
C LEU B 63 -13.12 -1.61 -33.00
N VAL B 64 -13.42 -1.06 -31.84
CA VAL B 64 -12.40 -0.55 -30.93
C VAL B 64 -12.40 -1.39 -29.66
N GLY B 65 -11.30 -2.11 -29.41
CA GLY B 65 -11.11 -2.87 -28.19
C GLY B 65 -10.63 -2.01 -27.05
N CYS B 66 -11.40 -1.95 -25.96
CA CYS B 66 -11.05 -1.11 -24.81
C CYS B 66 -10.29 -1.97 -23.81
N THR B 67 -9.00 -1.68 -23.67
CA THR B 67 -8.12 -2.48 -22.82
C THR B 67 -8.66 -2.56 -21.39
N GLY B 68 -8.67 -3.77 -20.83
CA GLY B 68 -9.19 -4.01 -19.49
C GLY B 68 -8.25 -3.53 -18.40
N THR B 69 -8.65 -3.79 -17.16
CA THR B 69 -7.89 -3.30 -16.00
C THR B 69 -6.78 -4.24 -15.55
N ALA B 70 -6.77 -5.49 -16.00
CA ALA B 70 -5.84 -6.47 -15.45
C ALA B 70 -4.40 -5.99 -15.54
N ALA B 71 -3.69 -6.05 -14.40
CA ALA B 71 -2.29 -5.64 -14.34
C ALA B 71 -1.37 -6.50 -15.18
N ASN B 72 -1.75 -7.76 -15.44
CA ASN B 72 -1.00 -8.60 -16.37
C ASN B 72 -1.36 -8.32 -17.83
N GLY B 73 -2.21 -7.33 -18.10
CA GLY B 73 -2.70 -7.06 -19.43
C GLY B 73 -1.78 -6.13 -20.19
N GLY B 74 -2.31 -5.61 -21.30
CA GLY B 74 -1.56 -4.73 -22.16
C GLY B 74 -1.98 -4.94 -23.59
N PRO B 75 -1.15 -4.49 -24.53
CA PRO B 75 -1.53 -4.57 -25.95
C PRO B 75 -1.60 -6.00 -26.50
N HIS B 76 -1.76 -6.99 -25.63
CA HIS B 76 -1.89 -8.36 -26.09
C HIS B 76 -3.24 -8.99 -25.75
N GLU B 77 -4.14 -8.30 -25.02
CA GLU B 77 -5.44 -8.91 -24.69
C GLU B 77 -6.13 -9.43 -25.94
N PHE B 78 -6.20 -8.59 -26.98
CA PHE B 78 -7.12 -8.83 -28.08
C PHE B 78 -6.46 -9.54 -29.23
N LEU B 79 -5.23 -9.99 -29.05
CA LEU B 79 -4.52 -10.60 -30.16
C LEU B 79 -5.30 -11.82 -30.68
N ARG B 80 -5.69 -12.72 -29.78
CA ARG B 80 -6.36 -13.93 -30.25
C ARG B 80 -7.75 -13.63 -30.81
N LEU B 81 -8.49 -12.72 -30.16
CA LEU B 81 -9.80 -12.33 -30.69
C LEU B 81 -9.67 -11.70 -32.08
N SER B 82 -8.65 -10.89 -32.28
CA SER B 82 -8.63 -10.04 -33.48
C SER B 82 -8.40 -10.84 -34.75
N THR B 83 -7.70 -11.99 -34.68
CA THR B 83 -7.45 -12.77 -35.88
C THR B 83 -8.74 -13.12 -36.58
N SER B 84 -9.82 -13.30 -35.80
CA SER B 84 -11.12 -13.66 -36.35
C SER B 84 -11.81 -12.50 -37.04
N PHE B 85 -11.28 -11.27 -36.92
CA PHE B 85 -11.86 -10.12 -37.60
C PHE B 85 -11.11 -9.75 -38.88
N GLN B 86 -9.99 -10.43 -39.14
CA GLN B 86 -9.18 -10.16 -40.32
C GLN B 86 -10.00 -10.44 -41.59
N GLU B 87 -10.00 -9.49 -42.51
CA GLU B 87 -10.82 -9.47 -43.73
C GLU B 87 -12.31 -9.34 -43.41
N GLU B 88 -12.66 -9.00 -42.17
CA GLU B 88 -14.05 -8.78 -41.76
C GLU B 88 -14.28 -7.38 -41.24
N ARG B 89 -13.46 -6.92 -40.29
CA ARG B 89 -13.62 -5.61 -39.68
C ARG B 89 -12.25 -5.07 -39.32
N ASP B 90 -12.10 -3.74 -39.38
CA ASP B 90 -10.97 -3.12 -38.70
C ASP B 90 -11.13 -3.31 -37.18
N PHE B 91 -10.06 -3.72 -36.53
CA PHE B 91 -10.06 -3.84 -35.07
C PHE B 91 -8.89 -3.00 -34.56
N LEU B 92 -9.21 -1.98 -33.78
CA LEU B 92 -8.24 -1.09 -33.16
C LEU B 92 -8.27 -1.38 -31.65
N ALA B 93 -7.10 -1.47 -31.03
CA ALA B 93 -7.01 -1.63 -29.58
C ALA B 93 -6.48 -0.34 -28.98
N VAL B 94 -7.25 0.26 -28.10
CA VAL B 94 -6.88 1.51 -27.46
C VAL B 94 -6.29 1.20 -26.09
N PRO B 95 -5.13 1.74 -25.76
CA PRO B 95 -4.55 1.46 -24.44
C PRO B 95 -5.29 2.24 -23.37
N LEU B 96 -5.15 1.75 -22.12
CA LEU B 96 -5.71 2.36 -20.93
C LEU B 96 -4.65 3.22 -20.29
N PRO B 97 -4.95 4.51 -20.08
CA PRO B 97 -3.93 5.41 -19.53
C PRO B 97 -3.48 4.95 -18.16
N GLY B 98 -2.17 5.00 -17.94
CA GLY B 98 -1.58 4.66 -16.67
C GLY B 98 -0.79 3.38 -16.68
N TYR B 99 -0.79 2.61 -17.79
CA TYR B 99 -0.16 1.29 -17.82
C TYR B 99 1.18 1.25 -18.55
N GLY B 100 1.60 2.34 -19.21
CA GLY B 100 2.76 2.29 -20.07
C GLY B 100 4.11 2.37 -19.34
N THR B 101 5.18 2.30 -20.14
CA THR B 101 6.60 2.32 -19.69
C THR B 101 6.84 1.54 -18.40
N GLY B 106 10.94 7.02 -16.62
CA GLY B 106 9.81 7.12 -15.73
C GLY B 106 8.66 6.15 -16.02
N THR B 107 7.64 6.15 -15.15
CA THR B 107 6.42 5.40 -15.37
C THR B 107 5.26 6.36 -15.66
N ALA B 108 4.12 5.79 -16.06
CA ALA B 108 3.04 6.58 -16.63
C ALA B 108 2.21 7.25 -15.55
N LEU B 109 1.81 8.50 -15.83
CA LEU B 109 0.94 9.22 -14.90
C LEU B 109 -0.38 8.48 -14.75
N LEU B 110 -0.97 8.53 -13.50
CA LEU B 110 -2.28 7.91 -13.36
C LEU B 110 -3.38 8.95 -13.60
N PRO B 111 -4.56 8.54 -14.04
CA PRO B 111 -5.64 9.53 -14.24
C PRO B 111 -6.15 10.07 -12.91
N ALA B 112 -6.45 11.38 -12.88
CA ALA B 112 -6.95 11.97 -11.65
C ALA B 112 -8.35 11.44 -11.30
N ASP B 113 -9.20 11.24 -12.30
CA ASP B 113 -10.45 10.53 -12.13
C ASP B 113 -10.69 9.73 -13.40
N LEU B 114 -11.77 8.94 -13.44
CA LEU B 114 -12.01 8.11 -14.61
C LEU B 114 -12.34 8.96 -15.84
N ASP B 115 -13.08 10.07 -15.66
CA ASP B 115 -13.48 10.91 -16.81
C ASP B 115 -12.28 11.45 -17.58
N THR B 116 -11.22 11.84 -16.85
CA THR B 116 -10.02 12.31 -17.51
C THR B 116 -9.37 11.19 -18.34
N ALA B 117 -9.40 9.94 -17.84
CA ALA B 117 -8.89 8.85 -18.66
C ALA B 117 -9.74 8.64 -19.90
N LEU B 118 -11.07 8.63 -19.73
CA LEU B 118 -11.97 8.41 -20.85
C LEU B 118 -11.82 9.50 -21.91
N ASP B 119 -11.69 10.75 -21.47
CA ASP B 119 -11.52 11.85 -22.41
C ASP B 119 -10.23 11.71 -23.20
N ALA B 120 -9.17 11.21 -22.56
CA ALA B 120 -7.93 10.97 -23.29
C ALA B 120 -8.12 9.86 -24.32
N GLN B 121 -8.90 8.83 -23.97
CA GLN B 121 -9.19 7.76 -24.93
C GLN B 121 -10.14 8.24 -26.04
N ALA B 122 -11.15 9.02 -25.68
CA ALA B 122 -12.11 9.52 -26.66
C ALA B 122 -11.41 10.31 -27.75
N ARG B 123 -10.44 11.14 -27.37
CA ARG B 123 -9.68 11.93 -28.34
C ARG B 123 -8.89 11.03 -29.29
N ALA B 124 -8.19 10.03 -28.75
CA ALA B 124 -7.39 9.17 -29.61
C ALA B 124 -8.26 8.31 -30.52
N ILE B 125 -9.45 7.93 -30.05
CA ILE B 125 -10.36 7.10 -30.84
C ILE B 125 -10.98 7.90 -31.98
N LEU B 126 -11.42 9.12 -31.69
CA LEU B 126 -12.04 9.94 -32.74
C LEU B 126 -11.01 10.31 -33.81
N ARG B 127 -9.75 10.52 -33.41
CA ARG B 127 -8.68 10.78 -34.38
C ARG B 127 -8.38 9.56 -35.24
N ALA B 128 -8.46 8.36 -34.66
CA ALA B 128 -8.05 7.17 -35.42
C ALA B 128 -9.16 6.65 -36.31
N ALA B 129 -10.41 6.71 -35.85
CA ALA B 129 -11.50 6.14 -36.62
C ALA B 129 -11.93 7.00 -37.81
N GLY B 130 -11.53 8.26 -37.86
CA GLY B 130 -11.94 9.13 -38.96
C GLY B 130 -13.45 9.34 -38.95
N ASP B 131 -14.11 9.02 -40.08
CA ASP B 131 -15.55 9.16 -40.18
C ASP B 131 -16.28 7.84 -39.98
N ALA B 132 -15.58 6.78 -39.74
CA ALA B 132 -16.28 5.54 -39.60
C ALA B 132 -17.00 5.49 -38.25
N PRO B 133 -18.19 4.90 -38.20
CA PRO B 133 -18.79 4.63 -36.91
C PRO B 133 -17.89 3.69 -36.12
N VAL B 134 -18.03 3.74 -34.81
CA VAL B 134 -17.20 3.01 -33.87
C VAL B 134 -18.09 2.08 -33.06
N VAL B 135 -17.65 0.84 -32.90
CA VAL B 135 -18.30 -0.08 -31.96
C VAL B 135 -17.26 -0.44 -30.89
N LEU B 136 -17.57 -0.12 -29.63
CA LEU B 136 -16.64 -0.35 -28.52
C LEU B 136 -16.80 -1.78 -27.99
N LEU B 137 -15.67 -2.43 -27.74
CA LEU B 137 -15.68 -3.79 -27.19
C LEU B 137 -14.75 -3.86 -26.00
N GLY B 138 -15.18 -4.56 -24.96
CA GLY B 138 -14.32 -4.78 -23.80
C GLY B 138 -14.70 -6.03 -23.06
N HIS B 139 -13.72 -6.62 -22.39
CA HIS B 139 -13.94 -7.85 -21.62
C HIS B 139 -13.79 -7.61 -20.12
N DPP B 140 -14.76 -8.11 -19.36
CA DPP B 140 -14.85 -7.97 -17.90
C DPP B 140 -14.74 -6.52 -17.37
O DPP B 140 -15.63 -5.75 -17.56
CB DPP B 140 -14.02 -9.02 -17.16
NG DPP B 140 -12.62 -8.72 -17.15
N GLY B 141 -13.66 -6.20 -16.67
CA GLY B 141 -13.43 -4.82 -16.25
C GLY B 141 -13.42 -3.92 -17.48
N GLY B 142 -12.77 -4.40 -18.53
CA GLY B 142 -12.82 -3.68 -19.81
C GLY B 142 -14.23 -3.55 -20.37
N ALA B 143 -15.10 -4.52 -20.10
CA ALA B 143 -16.50 -4.35 -20.49
C ALA B 143 -17.11 -3.14 -19.80
N LEU B 144 -16.87 -3.02 -18.49
CA LEU B 144 -17.37 -1.84 -17.78
C LEU B 144 -16.74 -0.56 -18.32
N LEU B 145 -15.44 -0.60 -18.65
CA LEU B 145 -14.81 0.60 -19.21
C LEU B 145 -15.40 0.94 -20.58
N ALA B 146 -15.75 -0.07 -21.37
CA ALA B 146 -16.30 0.16 -22.70
C ALA B 146 -17.58 0.96 -22.61
N HIS B 147 -18.43 0.64 -21.62
CA HIS B 147 -19.69 1.36 -21.49
C HIS B 147 -19.48 2.78 -20.96
N GLU B 148 -18.56 2.96 -20.01
CA GLU B 148 -18.32 4.32 -19.51
C GLU B 148 -17.72 5.19 -20.59
N LEU B 149 -16.87 4.61 -21.45
CA LEU B 149 -16.34 5.34 -22.61
C LEU B 149 -17.46 5.66 -23.60
N ALA B 150 -18.39 4.72 -23.81
CA ALA B 150 -19.53 4.99 -24.68
C ALA B 150 -20.31 6.20 -24.21
N PHE B 151 -20.65 6.22 -22.91
CA PHE B 151 -21.41 7.35 -22.38
C PHE B 151 -20.63 8.64 -22.48
N ARG B 152 -19.32 8.57 -22.19
CA ARG B 152 -18.49 9.77 -22.30
C ARG B 152 -18.48 10.31 -23.72
N LEU B 153 -18.33 9.42 -24.70
CA LEU B 153 -18.33 9.86 -26.09
C LEU B 153 -19.64 10.56 -26.44
N GLU B 154 -20.76 10.03 -25.94
CA GLU B 154 -22.06 10.59 -26.24
C GLU B 154 -22.28 11.94 -25.54
N ARG B 155 -22.13 11.99 -24.19
CA ARG B 155 -22.47 13.21 -23.43
C ARG B 155 -21.42 14.30 -23.56
N ALA B 156 -20.15 13.94 -23.55
CA ALA B 156 -19.13 14.97 -23.46
C ALA B 156 -18.54 15.36 -24.80
N HIS B 157 -18.49 14.43 -25.76
CA HIS B 157 -17.92 14.70 -27.07
C HIS B 157 -18.99 14.66 -28.14
N GLY B 158 -20.26 14.61 -27.75
CA GLY B 158 -21.37 14.66 -28.67
C GLY B 158 -21.30 13.64 -29.79
N ALA B 159 -20.65 12.50 -29.57
CA ALA B 159 -20.39 11.51 -30.61
C ALA B 159 -20.64 10.09 -30.08
N PRO B 160 -21.90 9.69 -29.93
CA PRO B 160 -22.19 8.36 -29.40
C PRO B 160 -21.70 7.26 -30.34
N PRO B 161 -21.15 6.18 -29.82
CA PRO B 161 -20.71 5.07 -30.69
C PRO B 161 -21.93 4.38 -31.30
N ALA B 162 -21.68 3.60 -32.36
CA ALA B 162 -22.78 2.88 -33.00
C ALA B 162 -23.22 1.65 -32.23
N GLY B 163 -22.41 1.16 -31.30
CA GLY B 163 -22.77 -0.01 -30.50
C GLY B 163 -21.69 -0.28 -29.49
N ILE B 164 -22.02 -1.14 -28.52
CA ILE B 164 -21.08 -1.59 -27.50
C ILE B 164 -21.17 -3.10 -27.37
N VAL B 165 -20.02 -3.78 -27.35
CA VAL B 165 -19.97 -5.21 -27.07
C VAL B 165 -19.40 -5.40 -25.66
N LEU B 166 -20.21 -5.97 -24.77
CA LEU B 166 -19.83 -6.21 -23.38
C LEU B 166 -19.62 -7.70 -23.19
N VAL B 167 -18.37 -8.11 -23.03
CA VAL B 167 -18.03 -9.52 -22.87
C VAL B 167 -17.95 -9.81 -21.38
N ASP B 168 -18.91 -10.57 -20.88
CA ASP B 168 -18.98 -10.99 -19.48
C ASP B 168 -18.86 -9.86 -18.45
N PRO B 169 -19.76 -8.86 -18.51
CA PRO B 169 -19.71 -7.76 -17.54
C PRO B 169 -20.43 -8.13 -16.26
N TYR B 170 -19.86 -7.70 -15.14
CA TYR B 170 -20.44 -7.84 -13.80
C TYR B 170 -20.53 -6.44 -13.20
N PRO B 171 -21.58 -5.69 -13.53
CA PRO B 171 -21.70 -4.29 -13.08
C PRO B 171 -22.11 -4.23 -11.62
N PRO B 172 -21.92 -3.08 -10.98
CA PRO B 172 -22.30 -2.97 -9.55
C PRO B 172 -23.76 -3.33 -9.32
N GLY B 173 -24.02 -4.06 -8.25
CA GLY B 173 -25.35 -4.58 -7.96
C GLY B 173 -25.60 -5.98 -8.50
N HIS B 174 -24.70 -6.50 -9.32
CA HIS B 174 -24.82 -7.84 -9.88
C HIS B 174 -23.51 -8.60 -9.74
N GLN B 175 -22.75 -8.29 -8.70
CA GLN B 175 -21.39 -8.78 -8.51
C GLN B 175 -21.27 -9.93 -7.51
N GLU B 176 -22.38 -10.49 -7.01
CA GLU B 176 -22.27 -11.61 -6.08
C GLU B 176 -21.44 -12.78 -6.63
N PRO B 177 -21.60 -13.21 -7.89
CA PRO B 177 -20.73 -14.29 -8.37
C PRO B 177 -19.27 -13.91 -8.33
N ILE B 178 -18.94 -12.65 -8.57
CA ILE B 178 -17.55 -12.22 -8.71
C ILE B 178 -16.88 -12.15 -7.34
N GLU B 179 -17.67 -12.09 -6.27
CA GLU B 179 -17.18 -12.15 -4.91
C GLU B 179 -17.02 -13.59 -4.41
N VAL B 180 -17.98 -14.47 -4.72
CA VAL B 180 -17.86 -15.87 -4.34
C VAL B 180 -16.63 -16.49 -4.99
N TRP B 181 -16.28 -16.05 -6.21
CA TRP B 181 -15.17 -16.62 -6.97
C TRP B 181 -13.91 -15.76 -6.94
N SER B 182 -13.78 -14.88 -5.94
CA SER B 182 -12.66 -13.92 -5.95
C SER B 182 -11.29 -14.60 -5.96
N ARG B 183 -11.13 -15.74 -5.27
CA ARG B 183 -9.81 -16.37 -5.28
C ARG B 183 -9.52 -16.96 -6.65
N GLN B 184 -10.53 -17.54 -7.30
CA GLN B 184 -10.33 -17.98 -8.68
C GLN B 184 -9.95 -16.81 -9.57
N LEU B 185 -10.57 -15.64 -9.36
CA LEU B 185 -10.22 -14.45 -10.13
C LEU B 185 -8.81 -14.00 -9.81
N GLY B 186 -8.46 -13.96 -8.52
CA GLY B 186 -7.10 -13.59 -8.15
C GLY B 186 -6.07 -14.59 -8.67
N GLU B 187 -6.38 -15.87 -8.56
CA GLU B 187 -5.47 -16.87 -9.11
C GLU B 187 -5.36 -16.75 -10.63
N GLY B 188 -6.43 -16.31 -11.30
CA GLY B 188 -6.35 -16.10 -12.74
C GLY B 188 -5.35 -15.03 -13.15
N LEU B 189 -5.29 -13.93 -12.38
CA LEU B 189 -4.31 -12.88 -12.69
C LEU B 189 -2.88 -13.42 -12.68
N PHE B 190 -2.54 -14.23 -11.68
CA PHE B 190 -1.17 -14.73 -11.63
C PHE B 190 -0.92 -15.80 -12.68
N ALA B 191 -1.93 -16.58 -13.03
CA ALA B 191 -1.79 -17.52 -14.14
C ALA B 191 -1.53 -16.80 -15.46
N GLY B 192 -2.17 -15.66 -15.67
CA GLY B 192 -1.97 -15.01 -16.95
C GLY B 192 -0.69 -14.24 -17.15
N GLU B 193 0.24 -14.25 -16.18
CA GLU B 193 1.44 -13.44 -16.26
C GLU B 193 2.36 -13.94 -17.36
N LEU B 194 2.61 -13.09 -18.36
CA LEU B 194 3.72 -13.39 -19.28
C LEU B 194 5.05 -13.02 -18.66
N GLU B 195 5.08 -11.96 -17.86
CA GLU B 195 6.20 -11.55 -17.02
C GLU B 195 5.58 -11.17 -15.68
N PRO B 196 6.35 -10.88 -14.63
CA PRO B 196 5.72 -10.50 -13.37
C PRO B 196 4.95 -9.19 -13.49
N MET B 197 3.78 -9.13 -12.86
CA MET B 197 3.02 -7.89 -12.82
C MET B 197 3.78 -6.82 -12.06
N SER B 198 4.04 -5.69 -12.73
CA SER B 198 4.80 -4.60 -12.10
C SER B 198 3.99 -3.94 -10.99
N ASP B 199 4.69 -3.34 -10.03
CA ASP B 199 3.99 -2.64 -8.98
C ASP B 199 3.22 -1.44 -9.54
N ALA B 200 3.79 -0.72 -10.50
CA ALA B 200 3.10 0.43 -11.09
C ALA B 200 1.77 0.03 -11.72
N ARG B 201 1.73 -1.14 -12.38
CA ARG B 201 0.51 -1.60 -13.02
C ARG B 201 -0.52 -2.12 -12.01
N LEU B 202 -0.07 -2.77 -10.94
CA LEU B 202 -0.99 -3.17 -9.87
C LEU B 202 -1.69 -1.96 -9.24
N LEU B 203 -0.93 -0.88 -9.01
CA LEU B 203 -1.52 0.36 -8.51
C LEU B 203 -2.53 0.93 -9.51
N ALA B 204 -2.21 0.89 -10.81
CA ALA B 204 -3.15 1.37 -11.81
C ALA B 204 -4.44 0.55 -11.75
N MET B 205 -4.29 -0.77 -11.62
CA MET B 205 -5.45 -1.66 -11.57
C MET B 205 -6.35 -1.35 -10.37
N GLY B 206 -5.75 -1.23 -9.18
CA GLY B 206 -6.53 -0.88 -8.00
C GLY B 206 -7.25 0.45 -8.17
N ARG B 207 -6.58 1.44 -8.76
CA ARG B 207 -7.18 2.76 -8.91
C ARG B 207 -8.39 2.69 -9.84
N TYR B 208 -8.27 1.99 -10.97
CA TYR B 208 -9.39 1.85 -11.90
C TYR B 208 -10.50 0.99 -11.31
N ALA B 209 -10.15 -0.05 -10.54
CA ALA B 209 -11.16 -0.87 -9.85
C ALA B 209 -12.02 -0.02 -8.94
N ARG B 210 -11.39 0.89 -8.20
CA ARG B 210 -12.10 1.84 -7.37
C ARG B 210 -12.96 2.79 -8.22
N PHE B 211 -12.42 3.31 -9.34
CA PHE B 211 -13.24 4.15 -10.25
C PHE B 211 -14.55 3.47 -10.57
N LEU B 212 -14.48 2.19 -10.94
CA LEU B 212 -15.62 1.48 -11.47
C LEU B 212 -16.58 0.99 -10.40
N ALA B 213 -16.19 1.04 -9.13
CA ALA B 213 -17.12 0.75 -8.03
C ALA B 213 -17.97 1.95 -7.67
N GLY B 214 -17.58 3.16 -8.10
CA GLY B 214 -18.26 4.37 -7.71
C GLY B 214 -19.54 4.58 -8.48
N PRO B 215 -20.32 5.54 -8.03
CA PRO B 215 -21.58 5.83 -8.69
C PRO B 215 -21.34 6.48 -10.04
N ARG B 216 -21.68 5.78 -11.10
CA ARG B 216 -21.55 6.31 -12.45
C ARG B 216 -22.93 6.19 -13.07
N PRO B 217 -23.81 7.15 -12.79
CA PRO B 217 -25.09 7.16 -13.47
C PRO B 217 -24.83 7.61 -14.90
N GLY B 218 -25.75 7.31 -15.76
CA GLY B 218 -25.45 7.73 -17.12
C GLY B 218 -25.29 6.49 -17.96
N ARG B 219 -26.35 6.22 -18.72
CA ARG B 219 -26.41 5.05 -19.56
C ARG B 219 -26.23 5.48 -21.01
N SER B 220 -25.37 4.79 -21.73
CA SER B 220 -25.20 5.02 -23.15
C SER B 220 -26.51 4.74 -23.92
N SER B 221 -26.75 5.54 -24.97
CA SER B 221 -27.84 5.30 -25.92
C SER B 221 -27.55 4.12 -26.82
N ALA B 222 -26.31 3.68 -26.88
CA ALA B 222 -25.92 2.75 -27.94
C ALA B 222 -26.46 1.35 -27.66
N PRO B 223 -26.82 0.60 -28.70
CA PRO B 223 -27.27 -0.77 -28.51
C PRO B 223 -26.12 -1.62 -27.97
N VAL B 224 -26.47 -2.59 -27.13
CA VAL B 224 -25.51 -3.42 -26.42
C VAL B 224 -25.66 -4.84 -26.92
N LEU B 225 -24.57 -5.45 -27.35
CA LEU B 225 -24.46 -6.90 -27.46
C LEU B 225 -23.85 -7.44 -26.17
N LEU B 226 -24.61 -8.26 -25.45
CA LEU B 226 -24.14 -8.88 -24.20
C LEU B 226 -23.65 -10.30 -24.52
N VAL B 227 -22.35 -10.53 -24.37
CA VAL B 227 -21.74 -11.85 -24.57
C VAL B 227 -21.46 -12.50 -23.21
N ARG B 228 -21.95 -13.73 -23.01
CA ARG B 228 -21.87 -14.36 -21.69
C ARG B 228 -21.14 -15.71 -21.79
N ALA B 229 -20.22 -15.93 -20.84
CA ALA B 229 -19.64 -17.25 -20.62
C ALA B 229 -20.73 -18.27 -20.30
N SER B 230 -20.47 -19.52 -20.68
CA SER B 230 -21.44 -20.59 -20.47
C SER B 230 -21.10 -21.53 -19.32
N GLU B 231 -19.83 -21.58 -18.89
CA GLU B 231 -19.38 -22.41 -17.80
C GLU B 231 -19.11 -21.51 -16.60
N PRO B 232 -19.54 -21.87 -15.39
CA PRO B 232 -19.15 -21.10 -14.20
C PRO B 232 -17.66 -21.24 -13.93
N LEU B 233 -17.09 -20.16 -13.39
CA LEU B 233 -15.69 -20.12 -13.02
C LEU B 233 -15.40 -20.96 -11.78
N GLY B 234 -16.37 -21.09 -10.87
CA GLY B 234 -16.26 -21.93 -9.68
C GLY B 234 -17.58 -22.57 -9.26
N ASP B 235 -17.63 -23.24 -8.10
CA ASP B 235 -18.91 -23.84 -7.70
C ASP B 235 -19.88 -22.74 -7.28
N TRP B 236 -21.16 -23.03 -7.45
CA TRP B 236 -22.21 -22.05 -7.25
C TRP B 236 -23.51 -22.80 -7.04
N GLN B 237 -24.19 -22.58 -5.92
CA GLN B 237 -25.49 -23.20 -5.73
C GLN B 237 -26.53 -22.41 -6.53
N GLU B 238 -27.17 -23.08 -7.48
CA GLU B 238 -28.12 -22.39 -8.35
C GLU B 238 -29.22 -21.71 -7.56
N GLU B 239 -29.47 -22.15 -6.31
CA GLU B 239 -30.47 -21.50 -5.48
C GLU B 239 -30.10 -20.06 -5.13
N ARG B 240 -28.84 -19.66 -5.30
CA ARG B 240 -28.45 -18.27 -5.09
C ARG B 240 -29.00 -17.35 -6.18
N GLY B 241 -29.44 -17.90 -7.29
CA GLY B 241 -29.80 -17.13 -8.44
C GLY B 241 -28.80 -17.36 -9.55
N ASP B 242 -28.80 -16.45 -10.51
CA ASP B 242 -27.97 -16.60 -11.70
C ASP B 242 -26.53 -16.21 -11.41
N TRP B 243 -25.58 -17.07 -11.78
CA TRP B 243 -24.18 -16.67 -11.68
C TRP B 243 -23.68 -15.87 -12.88
N ARG B 244 -24.47 -15.78 -13.96
CA ARG B 244 -23.94 -15.27 -15.22
C ARG B 244 -23.77 -13.75 -15.18
N ALA B 245 -22.95 -13.27 -16.12
CA ALA B 245 -22.83 -11.84 -16.38
C ALA B 245 -24.17 -11.21 -16.73
N HIS B 246 -24.30 -9.92 -16.43
CA HIS B 246 -25.58 -9.22 -16.52
C HIS B 246 -25.42 -7.84 -17.17
N TRP B 247 -26.45 -7.44 -17.93
CA TRP B 247 -26.61 -6.05 -18.32
C TRP B 247 -28.09 -5.77 -18.53
N ASP B 248 -28.53 -4.57 -18.13
CA ASP B 248 -29.92 -4.14 -18.30
C ASP B 248 -30.25 -3.90 -19.77
N LEU B 249 -31.38 -4.46 -20.21
CA LEU B 249 -31.97 -4.17 -21.51
C LEU B 249 -30.98 -4.27 -22.67
N PRO B 250 -30.31 -5.41 -22.85
CA PRO B 250 -29.41 -5.54 -23.99
C PRO B 250 -30.19 -5.60 -25.29
N HIS B 251 -29.55 -5.13 -26.36
CA HIS B 251 -30.14 -5.34 -27.68
C HIS B 251 -30.15 -6.82 -28.05
N THR B 252 -29.06 -7.53 -27.77
CA THR B 252 -28.89 -8.93 -28.13
C THR B 252 -28.01 -9.58 -27.08
N VAL B 253 -28.30 -10.86 -26.77
CA VAL B 253 -27.55 -11.66 -25.83
C VAL B 253 -27.00 -12.85 -26.59
N ALA B 254 -25.71 -13.12 -26.42
CA ALA B 254 -25.04 -14.28 -26.99
C ALA B 254 -24.32 -15.03 -25.88
N ASP B 255 -24.51 -16.35 -25.82
CA ASP B 255 -23.75 -17.18 -24.91
C ASP B 255 -22.69 -17.93 -25.70
N VAL B 256 -21.48 -18.01 -25.18
CA VAL B 256 -20.39 -18.67 -25.91
C VAL B 256 -19.77 -19.71 -24.99
N PRO B 257 -19.09 -20.70 -25.56
CA PRO B 257 -18.43 -21.72 -24.74
C PRO B 257 -17.37 -21.11 -23.83
N GLY B 258 -17.09 -21.80 -22.73
CA GLY B 258 -16.00 -21.43 -21.86
C GLY B 258 -16.49 -20.66 -20.65
N ASP B 259 -15.54 -20.29 -19.80
CA ASP B 259 -15.81 -19.55 -18.58
C ASP B 259 -15.33 -18.11 -18.74
N HIS B 260 -15.49 -17.33 -17.67
CA HIS B 260 -15.12 -15.93 -17.63
C HIS B 260 -13.77 -15.65 -18.29
N PHE B 261 -12.81 -16.57 -18.11
CA PHE B 261 -11.45 -16.45 -18.64
C PHE B 261 -11.31 -17.11 -20.00
N THR B 262 -11.73 -18.35 -20.10
CA THR B 262 -11.43 -19.10 -21.31
C THR B 262 -12.30 -18.69 -22.47
N MET B 263 -13.41 -17.97 -22.22
CA MET B 263 -14.21 -17.48 -23.34
C MET B 263 -13.39 -16.60 -24.27
N MET B 264 -12.35 -15.94 -23.77
CA MET B 264 -11.53 -15.02 -24.56
C MET B 264 -10.24 -15.64 -25.06
N ARG B 265 -9.97 -16.91 -24.72
CA ARG B 265 -8.78 -17.57 -25.17
C ARG B 265 -9.21 -18.69 -26.10
N ASP B 266 -9.46 -19.88 -25.59
CA ASP B 266 -9.82 -21.04 -26.40
C ASP B 266 -11.04 -20.78 -27.26
N HIS B 267 -11.94 -19.90 -26.81
CA HIS B 267 -13.19 -19.68 -27.52
C HIS B 267 -13.34 -18.25 -28.05
N ALA B 268 -12.23 -17.54 -28.24
CA ALA B 268 -12.30 -16.24 -28.91
C ALA B 268 -13.08 -16.27 -30.23
N PRO B 269 -12.92 -17.27 -31.12
CA PRO B 269 -13.72 -17.23 -32.35
C PRO B 269 -15.20 -17.22 -32.08
N ALA B 270 -15.67 -17.91 -31.04
CA ALA B 270 -17.08 -17.89 -30.74
C ALA B 270 -17.55 -16.47 -30.39
N VAL B 271 -16.72 -15.71 -29.67
CA VAL B 271 -17.04 -14.32 -29.38
C VAL B 271 -17.10 -13.50 -30.66
N ALA B 272 -16.04 -13.62 -31.48
CA ALA B 272 -15.98 -12.86 -32.73
C ALA B 272 -17.16 -13.18 -33.64
N GLU B 273 -17.57 -14.44 -33.68
CA GLU B 273 -18.67 -14.79 -34.56
C GLU B 273 -19.97 -14.13 -34.10
N ALA B 274 -20.21 -14.10 -32.78
CA ALA B 274 -21.37 -13.42 -32.24
C ALA B 274 -21.35 -11.93 -32.57
N VAL B 275 -20.16 -11.31 -32.52
CA VAL B 275 -20.05 -9.88 -32.79
C VAL B 275 -20.32 -9.59 -34.26
N LEU B 276 -19.75 -10.41 -35.15
CA LEU B 276 -19.91 -10.17 -36.59
C LEU B 276 -21.36 -10.31 -37.00
N SER B 277 -22.02 -11.39 -36.54
CA SER B 277 -23.46 -11.54 -36.82
C SER B 277 -24.26 -10.37 -36.26
N TRP B 278 -23.87 -9.87 -35.09
CA TRP B 278 -24.61 -8.77 -34.50
C TRP B 278 -24.40 -7.46 -35.26
N LEU B 279 -23.17 -7.21 -35.71
CA LEU B 279 -22.87 -5.97 -36.45
C LEU B 279 -23.62 -5.93 -37.77
N ASP B 280 -23.73 -7.07 -38.46
CA ASP B 280 -24.48 -7.08 -39.71
C ASP B 280 -25.95 -6.78 -39.44
N ALA B 281 -26.49 -7.37 -38.37
CA ALA B 281 -27.89 -7.19 -38.01
C ALA B 281 -28.21 -5.72 -37.81
N ILE B 282 -27.37 -4.99 -37.08
CA ILE B 282 -27.68 -3.59 -36.77
C ILE B 282 -27.27 -2.62 -37.87
N GLU B 283 -26.62 -3.09 -38.94
CA GLU B 283 -26.24 -2.21 -40.05
C GLU B 283 -27.19 -2.37 -41.25
C10 A1AWE C . 6.30 8.36 14.40
C11 A1AWE C . 5.12 9.06 13.71
C12 A1AWE C . 6.39 8.75 15.87
C18 A1AWE C . 6.53 9.23 18.67
C20 A1AWE C . 7.36 10.67 19.86
C13 A1AWE C . 6.01 7.90 16.78
C17 A1AWE C . 6.04 8.06 18.00
C05 A1AWE C . 10.54 9.21 16.54
C07 A1AWE C . 10.35 7.93 14.59
C08 A1AWE C . 9.15 7.56 13.72
C22 A1AWE C . 7.04 10.35 17.71
C23 A1AWE C . 6.95 10.02 16.07
N14 A1AWE C . 5.46 6.61 16.41
O06 A1AWE C . 9.97 8.08 15.94
O15 A1AWE C . 4.07 6.38 16.50
O16 A1AWE C . 6.17 5.74 16.07
O19 A1AWE C . 6.72 9.73 19.76
O21 A1AWE C . 7.51 11.48 18.82
O24 A1AWE C . 10.38 10.26 16.06
S09 A1AWE C . 7.91 8.89 13.70
C10 A1AWE D . -12.06 -7.81 -11.38
C11 A1AWE D . -12.36 -8.70 -10.18
C12 A1AWE D . -13.31 -7.55 -12.23
C18 A1AWE D . -15.55 -6.76 -13.79
C20 A1AWE D . -16.87 -7.71 -15.05
C13 A1AWE D . -13.64 -6.32 -12.45
C17 A1AWE D . -14.61 -5.91 -13.09
C05 A1AWE D . -11.98 -8.74 -15.86
C07 A1AWE D . -10.07 -7.72 -14.95
C08 A1AWE D . -9.93 -7.31 -13.49
C22 A1AWE D . -15.27 -8.29 -13.66
C23 A1AWE D . -13.93 -8.73 -12.72
N14 A1AWE D . -12.87 -5.25 -11.84
O06 A1AWE D . -11.41 -7.60 -15.29
O15 A1AWE D . -11.88 -4.54 -12.54
O16 A1AWE D . -13.11 -4.96 -10.72
O19 A1AWE D . -16.54 -6.76 -14.52
O21 A1AWE D . -16.50 -8.90 -14.57
O24 A1AWE D . -12.01 -9.73 -15.21
S09 A1AWE D . -10.84 -8.57 -12.53
#